data_5H1Y
#
_entry.id   5H1Y
#
_cell.length_a   43.881
_cell.length_b   62.746
_cell.length_c   92.881
_cell.angle_alpha   90.00
_cell.angle_beta   94.32
_cell.angle_gamma   90.00
#
_symmetry.space_group_name_H-M   'P 1 21 1'
#
loop_
_entity.id
_entity.type
_entity.pdbx_description
1 polymer 'Probable ATP-dependent RNA helicase DDX41'
2 non-polymer 'SULFATE ION'
3 non-polymer 'MAGNESIUM ION'
4 water water
#
_entity_poly.entity_id   1
_entity_poly.type   'polypeptide(L)'
_entity_poly.pdbx_seq_one_letter_code
;MHHHHHHSSGVDLGTENLYFQSNLSMSEERHERVRKKYHILVEGDGIPPPIKSFKEMKFPAAILRGLKKKGIHHPTPIQI
QGIPTILSGRDMIGIAFTGSGKTLVFTLPVIMFCLEQEKRLPFSKREGPYGLIICPSRELARQTHGILEYYCRLLQEDSS
PLLRCALCIGGMSVKEQMETIRHGVHMMVATPGRLMDLLQKKMVSLDICRYLALDEADRMIDMGFEGDIRTIFSYFKGQR
QTLLFSATMPKKIQNFAKSALVKPVTINVGRAGAASLDVIQ
;
_entity_poly.pdbx_strand_id   A,B
#
loop_
_chem_comp.id
_chem_comp.type
_chem_comp.name
_chem_comp.formula
MG non-polymer 'MAGNESIUM ION' 'Mg 2'
SO4 non-polymer 'SULFATE ION' 'O4 S -2'
#
# COMPACT_ATOMS: atom_id res chain seq x y z
N GLU A 28 -28.94 -3.81 -16.04
CA GLU A 28 -28.35 -4.22 -14.77
C GLU A 28 -27.58 -5.53 -14.95
N GLU A 29 -27.46 -5.99 -16.19
CA GLU A 29 -27.03 -7.35 -16.45
C GLU A 29 -25.67 -7.43 -17.15
N ARG A 30 -25.47 -6.61 -18.18
CA ARG A 30 -24.21 -6.60 -18.91
C ARG A 30 -23.10 -5.95 -18.07
N HIS A 31 -23.50 -4.99 -17.24
CA HIS A 31 -22.57 -4.21 -16.44
C HIS A 31 -21.75 -5.08 -15.49
N GLU A 32 -22.35 -6.18 -15.01
CA GLU A 32 -21.62 -7.11 -14.18
C GLU A 32 -20.61 -7.92 -15.00
N ARG A 33 -20.93 -8.18 -16.26
CA ARG A 33 -19.96 -8.83 -17.14
C ARG A 33 -18.72 -7.95 -17.38
N VAL A 34 -18.97 -6.66 -17.65
CA VAL A 34 -17.88 -5.68 -17.75
C VAL A 34 -17.01 -5.75 -16.49
N ARG A 35 -17.66 -5.69 -15.33
CA ARG A 35 -16.97 -5.66 -14.05
C ARG A 35 -16.16 -6.91 -13.77
N LYS A 36 -16.76 -8.08 -14.00
CA LYS A 36 -16.05 -9.33 -13.78
C LYS A 36 -14.84 -9.45 -14.70
N LYS A 37 -15.01 -9.03 -15.96
CA LYS A 37 -13.91 -9.10 -16.91
C LYS A 37 -12.69 -8.31 -16.43
N TYR A 38 -12.92 -7.07 -16.00
CA TYR A 38 -11.81 -6.22 -15.57
C TYR A 38 -11.56 -6.28 -14.06
N HIS A 39 -12.14 -7.30 -13.41
CA HIS A 39 -11.90 -7.55 -11.99
C HIS A 39 -12.30 -6.33 -11.17
N ILE A 40 -13.49 -5.78 -11.45
CA ILE A 40 -14.03 -4.66 -10.69
C ILE A 40 -15.06 -5.15 -9.67
N LEU A 41 -14.75 -4.98 -8.38
CA LEU A 41 -15.69 -5.33 -7.34
C LEU A 41 -16.37 -4.04 -6.85
N VAL A 42 -17.70 -4.06 -6.78
CA VAL A 42 -18.43 -2.86 -6.34
C VAL A 42 -19.39 -3.16 -5.20
N GLU A 43 -19.56 -2.18 -4.31
CA GLU A 43 -20.64 -2.24 -3.31
C GLU A 43 -21.42 -0.92 -3.31
N GLY A 44 -22.71 -1.01 -3.02
CA GLY A 44 -23.53 0.18 -2.84
C GLY A 44 -24.75 0.14 -3.75
N ASP A 45 -25.67 1.08 -3.57
CA ASP A 45 -26.90 1.09 -4.36
C ASP A 45 -26.84 2.04 -5.53
N GLY A 46 -27.60 1.70 -6.57
CA GLY A 46 -27.70 2.55 -7.75
C GLY A 46 -26.36 2.90 -8.35
N ILE A 47 -25.53 1.87 -8.57
CA ILE A 47 -24.22 2.08 -9.18
C ILE A 47 -24.39 2.42 -10.65
N PRO A 48 -23.80 3.56 -11.08
CA PRO A 48 -23.89 3.91 -12.50
C PRO A 48 -23.16 2.87 -13.36
N PRO A 49 -23.59 2.70 -14.62
CA PRO A 49 -22.94 1.77 -15.55
C PRO A 49 -21.46 2.12 -15.72
N PRO A 50 -20.60 1.11 -15.86
CA PRO A 50 -19.18 1.34 -16.16
C PRO A 50 -19.06 1.79 -17.60
N ILE A 51 -17.98 2.47 -17.96
CA ILE A 51 -17.81 2.96 -19.33
C ILE A 51 -16.42 2.59 -19.84
N LYS A 52 -16.36 1.94 -21.02
CA LYS A 52 -15.10 1.37 -21.49
C LYS A 52 -14.22 2.34 -22.28
N SER A 53 -14.72 3.55 -22.51
CA SER A 53 -13.92 4.50 -23.29
C SER A 53 -14.06 5.92 -22.77
N PHE A 54 -12.96 6.67 -22.87
CA PHE A 54 -12.92 8.04 -22.40
C PHE A 54 -13.90 8.93 -23.13
N LYS A 55 -14.10 8.67 -24.43
CA LYS A 55 -15.04 9.48 -25.22
C LYS A 55 -16.48 9.29 -24.75
N GLU A 56 -16.87 8.06 -24.42
CA GLU A 56 -18.23 7.80 -23.93
C GLU A 56 -18.46 8.44 -22.56
N MET A 57 -17.41 8.52 -21.75
CA MET A 57 -17.44 9.43 -20.60
C MET A 57 -17.38 10.75 -21.34
N LYS A 58 -18.31 11.67 -21.15
CA LYS A 58 -18.38 12.75 -22.14
C LYS A 58 -17.34 13.89 -22.00
N PHE A 59 -16.05 13.53 -22.04
CA PHE A 59 -14.95 14.49 -21.94
C PHE A 59 -14.77 15.34 -23.19
N PRO A 60 -14.37 16.61 -23.02
CA PRO A 60 -14.04 17.48 -24.16
C PRO A 60 -12.83 16.95 -24.93
N ALA A 61 -12.86 17.10 -26.26
CA ALA A 61 -11.81 16.59 -27.14
C ALA A 61 -10.39 17.05 -26.76
N ALA A 62 -10.28 18.23 -26.17
CA ALA A 62 -8.96 18.73 -25.78
C ALA A 62 -8.34 17.83 -24.72
N ILE A 63 -9.21 17.22 -23.90
CA ILE A 63 -8.79 16.28 -22.86
C ILE A 63 -8.48 14.91 -23.48
N LEU A 64 -9.31 14.47 -24.42
CA LEU A 64 -9.06 13.23 -25.13
C LEU A 64 -7.69 13.30 -25.82
N ARG A 65 -7.41 14.43 -26.45
CA ARG A 65 -6.11 14.60 -27.11
C ARG A 65 -4.97 14.58 -26.08
N GLY A 66 -5.21 15.21 -24.93
CA GLY A 66 -4.22 15.18 -23.87
C GLY A 66 -3.91 13.77 -23.43
N LEU A 67 -4.95 12.94 -23.38
CA LEU A 67 -4.78 11.54 -22.99
C LEU A 67 -3.93 10.76 -23.99
N LYS A 68 -4.29 10.79 -25.27
CA LYS A 68 -3.44 10.18 -26.30
C LYS A 68 -2.01 10.70 -26.16
N LYS A 69 -1.87 12.02 -26.08
CA LYS A 69 -0.57 12.69 -26.04
C LYS A 69 0.26 12.27 -24.82
N LYS A 70 -0.37 11.61 -23.86
CA LYS A 70 0.34 11.10 -22.68
C LYS A 70 0.43 9.58 -22.76
N GLY A 71 -0.02 9.01 -23.87
CA GLY A 71 0.04 7.57 -24.08
C GLY A 71 -1.12 6.84 -23.45
N ILE A 72 -2.08 7.61 -22.94
CA ILE A 72 -3.23 7.04 -22.25
C ILE A 72 -4.39 6.88 -23.22
N HIS A 73 -4.52 5.69 -23.80
CA HIS A 73 -5.51 5.44 -24.83
C HIS A 73 -6.74 4.76 -24.26
N HIS A 74 -6.52 3.94 -23.23
CA HIS A 74 -7.60 3.15 -22.68
C HIS A 74 -7.75 3.24 -21.15
N PRO A 75 -9.00 3.45 -20.69
CA PRO A 75 -9.30 3.58 -19.25
C PRO A 75 -8.94 2.30 -18.50
N THR A 76 -8.30 2.45 -17.35
CA THR A 76 -8.00 1.33 -16.45
C THR A 76 -9.29 0.90 -15.73
N PRO A 77 -9.26 -0.25 -15.00
CA PRO A 77 -10.48 -0.68 -14.29
C PRO A 77 -11.03 0.39 -13.34
N ILE A 78 -10.19 0.98 -12.51
CA ILE A 78 -10.66 2.02 -11.59
C ILE A 78 -11.29 3.22 -12.34
N GLN A 79 -10.78 3.55 -13.52
CA GLN A 79 -11.36 4.63 -14.33
C GLN A 79 -12.70 4.22 -14.95
N ILE A 80 -12.77 3.00 -15.45
CA ILE A 80 -13.98 2.44 -16.06
C ILE A 80 -15.23 2.57 -15.18
N GLN A 81 -15.10 2.21 -13.91
CA GLN A 81 -16.22 2.33 -12.98
C GLN A 81 -16.16 3.65 -12.18
N GLY A 82 -14.95 4.11 -11.85
CA GLY A 82 -14.77 5.29 -11.00
C GLY A 82 -15.25 6.59 -11.60
N ILE A 83 -14.80 6.90 -12.82
CA ILE A 83 -15.18 8.16 -13.45
C ILE A 83 -16.70 8.39 -13.56
N PRO A 84 -17.46 7.39 -14.06
CA PRO A 84 -18.92 7.62 -14.14
C PRO A 84 -19.56 7.77 -12.75
N THR A 85 -19.02 7.05 -11.77
CA THR A 85 -19.46 7.18 -10.39
C THR A 85 -19.29 8.63 -9.92
N ILE A 86 -18.11 9.21 -10.16
CA ILE A 86 -17.83 10.57 -9.71
C ILE A 86 -18.71 11.56 -10.47
N LEU A 87 -18.75 11.39 -11.79
CA LEU A 87 -19.54 12.27 -12.66
C LEU A 87 -21.00 12.40 -12.25
N SER A 88 -21.57 11.33 -11.71
CA SER A 88 -22.98 11.32 -11.28
C SER A 88 -23.16 11.92 -9.90
N GLY A 89 -22.06 12.34 -9.27
CA GLY A 89 -22.15 13.00 -7.98
C GLY A 89 -22.06 12.14 -6.73
N ARG A 90 -21.89 10.82 -6.90
CA ARG A 90 -21.83 9.90 -5.76
C ARG A 90 -20.53 10.05 -4.97
N ASP A 91 -20.61 9.91 -3.66
CA ASP A 91 -19.41 9.68 -2.88
C ASP A 91 -18.81 8.34 -3.33
N MET A 92 -17.51 8.16 -3.13
CA MET A 92 -16.85 6.95 -3.60
C MET A 92 -15.76 6.53 -2.62
N ILE A 93 -15.69 5.23 -2.36
CA ILE A 93 -14.51 4.63 -1.74
C ILE A 93 -13.77 3.87 -2.82
N GLY A 94 -12.56 4.30 -3.14
CA GLY A 94 -11.77 3.64 -4.15
C GLY A 94 -10.65 2.83 -3.54
N ILE A 95 -10.78 1.50 -3.62
CA ILE A 95 -9.70 0.64 -3.15
C ILE A 95 -8.82 0.31 -4.35
N ALA A 96 -7.79 1.12 -4.52
CA ALA A 96 -6.95 1.08 -5.72
C ALA A 96 -5.55 1.44 -5.29
N PHE A 97 -4.57 0.95 -6.04
CA PHE A 97 -3.16 1.04 -5.65
C PHE A 97 -2.47 2.11 -6.49
N THR A 98 -1.33 2.60 -6.03
CA THR A 98 -0.53 3.51 -6.85
C THR A 98 -0.19 2.76 -8.14
N GLY A 99 -0.46 3.40 -9.27
CA GLY A 99 -0.28 2.75 -10.56
C GLY A 99 -1.56 2.21 -11.17
N SER A 100 -2.68 2.36 -10.47
CA SER A 100 -3.95 1.82 -10.99
C SER A 100 -4.64 2.78 -11.95
N GLY A 101 -4.12 4.01 -12.03
CA GLY A 101 -4.78 5.08 -12.79
C GLY A 101 -5.82 5.83 -11.96
N LYS A 102 -5.74 5.72 -10.64
CA LYS A 102 -6.71 6.36 -9.75
C LYS A 102 -6.71 7.89 -9.83
N THR A 103 -5.56 8.48 -10.19
CA THR A 103 -5.43 9.94 -10.14
C THR A 103 -6.36 10.63 -11.14
N LEU A 104 -6.54 10.01 -12.31
CA LEU A 104 -7.46 10.57 -13.31
C LEU A 104 -8.90 10.47 -12.83
N VAL A 105 -9.18 9.48 -11.99
CA VAL A 105 -10.54 9.29 -11.46
C VAL A 105 -10.96 10.50 -10.64
N PHE A 106 -10.04 10.99 -9.81
CA PHE A 106 -10.38 12.13 -8.95
C PHE A 106 -9.95 13.53 -9.45
N THR A 107 -9.19 13.59 -10.55
CA THR A 107 -8.77 14.88 -11.12
C THR A 107 -9.65 15.31 -12.30
N LEU A 108 -9.86 14.39 -13.25
CA LEU A 108 -10.64 14.72 -14.45
C LEU A 108 -12.09 15.21 -14.17
N PRO A 109 -12.83 14.51 -13.30
CA PRO A 109 -14.21 14.99 -13.10
C PRO A 109 -14.26 16.37 -12.46
N VAL A 110 -13.40 16.63 -11.48
CA VAL A 110 -13.51 17.93 -10.80
C VAL A 110 -13.10 19.08 -11.73
N ILE A 111 -12.11 18.84 -12.59
CA ILE A 111 -11.79 19.79 -13.66
C ILE A 111 -13.06 20.13 -14.48
N MET A 112 -13.80 19.09 -14.88
CA MET A 112 -15.07 19.31 -15.59
C MET A 112 -16.05 20.13 -14.76
N PHE A 113 -16.19 19.77 -13.48
CA PHE A 113 -17.09 20.49 -12.56
C PHE A 113 -16.71 21.97 -12.49
N CYS A 114 -15.42 22.22 -12.27
CA CYS A 114 -14.88 23.56 -12.25
C CYS A 114 -15.12 24.35 -13.53
N LEU A 115 -15.05 23.65 -14.67
CA LEU A 115 -15.17 24.31 -15.96
C LEU A 115 -16.59 24.87 -16.15
N GLU A 116 -17.58 24.09 -15.72
CA GLU A 116 -18.96 24.54 -15.78
C GLU A 116 -19.21 25.71 -14.83
N GLN A 117 -18.72 25.61 -13.58
CA GLN A 117 -18.90 26.71 -12.61
C GLN A 117 -18.29 28.02 -13.12
N GLU A 118 -17.06 27.96 -13.61
CA GLU A 118 -16.37 29.14 -14.14
C GLU A 118 -17.10 29.75 -15.34
N LYS A 119 -17.68 28.90 -16.19
CA LYS A 119 -18.46 29.38 -17.32
C LYS A 119 -19.77 30.04 -16.84
N ARG A 120 -20.39 29.48 -15.81
CA ARG A 120 -21.63 30.01 -15.26
C ARG A 120 -21.38 31.36 -14.59
N LEU A 121 -20.32 31.43 -13.79
CA LEU A 121 -19.92 32.66 -13.09
C LEU A 121 -18.43 32.67 -12.86
N PRO A 122 -17.68 33.45 -13.66
CA PRO A 122 -16.21 33.48 -13.53
C PRO A 122 -15.75 33.72 -12.09
N PHE A 123 -14.80 32.93 -11.61
CA PHE A 123 -14.37 33.09 -10.22
C PHE A 123 -13.73 34.47 -10.01
N SER A 124 -14.06 35.06 -8.86
CA SER A 124 -13.55 36.36 -8.48
C SER A 124 -12.28 36.22 -7.64
N LYS A 125 -11.67 37.37 -7.34
CA LYS A 125 -10.30 37.43 -6.86
C LYS A 125 -10.00 36.48 -5.72
N ARG A 126 -10.92 36.36 -4.77
CA ARG A 126 -10.58 35.55 -3.61
C ARG A 126 -11.44 34.31 -3.46
N GLU A 127 -12.23 33.98 -4.48
CA GLU A 127 -13.19 32.90 -4.30
C GLU A 127 -12.42 31.60 -4.10
N GLY A 128 -12.67 30.97 -2.95
CA GLY A 128 -11.82 29.93 -2.39
C GLY A 128 -11.95 28.76 -3.29
N PRO A 129 -11.34 27.62 -2.93
CA PRO A 129 -11.37 26.50 -3.88
C PRO A 129 -12.77 25.89 -4.02
N TYR A 130 -13.08 25.38 -5.21
CA TYR A 130 -14.32 24.65 -5.44
C TYR A 130 -14.05 23.17 -5.20
N GLY A 131 -12.85 22.74 -5.58
CA GLY A 131 -12.43 21.37 -5.37
C GLY A 131 -11.17 21.29 -4.53
N LEU A 132 -11.12 20.29 -3.65
CA LEU A 132 -9.99 20.14 -2.74
C LEU A 132 -9.47 18.71 -2.75
N ILE A 133 -8.15 18.56 -2.83
CA ILE A 133 -7.51 17.24 -2.82
C ILE A 133 -6.46 17.17 -1.72
N ILE A 134 -6.66 16.26 -0.77
CA ILE A 134 -5.79 16.15 0.39
C ILE A 134 -4.83 14.96 0.24
N CYS A 135 -3.53 15.22 0.40
CA CYS A 135 -2.46 14.21 0.22
C CYS A 135 -1.62 14.14 1.47
N PRO A 136 -1.07 12.94 1.78
CA PRO A 136 -0.17 12.81 2.93
C PRO A 136 1.15 13.57 2.76
N SER A 137 1.65 13.67 1.54
CA SER A 137 2.99 14.20 1.39
C SER A 137 3.09 15.28 0.32
N ARG A 138 4.08 16.14 0.53
CA ARG A 138 4.47 17.22 -0.35
C ARG A 138 4.65 16.76 -1.80
N GLU A 139 5.32 15.62 -1.98
CA GLU A 139 5.66 15.19 -3.35
C GLU A 139 4.42 14.66 -4.08
N LEU A 140 3.59 13.89 -3.39
CA LEU A 140 2.32 13.49 -3.99
C LEU A 140 1.47 14.73 -4.37
N ALA A 141 1.46 15.74 -3.50
CA ALA A 141 0.68 16.95 -3.77
C ALA A 141 1.16 17.66 -5.04
N ARG A 142 2.48 17.86 -5.15
CA ARG A 142 3.06 18.51 -6.35
C ARG A 142 2.74 17.72 -7.61
N GLN A 143 2.95 16.41 -7.54
CA GLN A 143 2.69 15.54 -8.69
C GLN A 143 1.23 15.61 -9.17
N THR A 144 0.29 15.56 -8.23
CA THR A 144 -1.14 15.61 -8.59
C THR A 144 -1.52 17.04 -9.06
N HIS A 145 -0.90 18.06 -8.44
CA HIS A 145 -1.10 19.44 -8.86
C HIS A 145 -0.60 19.59 -10.28
N GLY A 146 0.57 19.03 -10.55
CA GLY A 146 1.14 19.02 -11.89
C GLY A 146 0.19 18.43 -12.92
N ILE A 147 -0.43 17.31 -12.59
CA ILE A 147 -1.42 16.68 -13.49
C ILE A 147 -2.62 17.62 -13.76
N LEU A 148 -3.16 18.24 -12.71
CA LEU A 148 -4.29 19.16 -12.88
C LEU A 148 -3.93 20.29 -13.86
N GLU A 149 -2.77 20.92 -13.64
CA GLU A 149 -2.34 22.02 -14.52
C GLU A 149 -2.12 21.60 -15.97
N TYR A 150 -1.81 20.32 -16.18
CA TYR A 150 -1.69 19.82 -17.54
C TYR A 150 -3.04 19.83 -18.24
N TYR A 151 -4.05 19.25 -17.61
CA TYR A 151 -5.34 19.17 -18.28
C TYR A 151 -6.01 20.55 -18.40
N CYS A 152 -5.84 21.38 -17.37
CA CYS A 152 -6.35 22.74 -17.40
C CYS A 152 -5.75 23.55 -18.55
N ARG A 153 -4.46 23.35 -18.81
CA ARG A 153 -3.79 24.06 -19.89
C ARG A 153 -4.34 23.67 -21.27
N LEU A 154 -4.61 22.38 -21.46
CA LEU A 154 -5.17 21.90 -22.74
C LEU A 154 -6.57 22.42 -23.01
N LEU A 155 -7.35 22.61 -21.95
CA LEU A 155 -8.69 23.15 -22.10
C LEU A 155 -8.58 24.59 -22.60
N GLN A 156 -7.67 25.33 -22.01
CA GLN A 156 -7.49 26.74 -22.35
C GLN A 156 -7.08 26.88 -23.82
N GLU A 157 -6.15 26.04 -24.23
CA GLU A 157 -5.68 26.04 -25.61
C GLU A 157 -6.81 25.60 -26.58
N ASP A 158 -7.96 25.22 -26.02
CA ASP A 158 -9.18 25.03 -26.82
C ASP A 158 -10.20 26.17 -26.62
N SER A 159 -9.75 27.27 -26.02
CA SER A 159 -10.55 28.49 -25.76
C SER A 159 -11.57 28.39 -24.59
N SER A 160 -11.44 27.35 -23.75
CA SER A 160 -12.10 27.34 -22.45
C SER A 160 -11.36 28.31 -21.52
N PRO A 161 -12.03 28.80 -20.45
CA PRO A 161 -11.30 29.71 -19.54
C PRO A 161 -10.20 29.00 -18.77
N LEU A 162 -9.24 29.75 -18.24
CA LEU A 162 -8.17 29.17 -17.43
C LEU A 162 -8.72 28.75 -16.09
N LEU A 163 -8.53 27.49 -15.73
CA LEU A 163 -8.87 27.05 -14.38
C LEU A 163 -7.59 27.13 -13.57
N ARG A 164 -7.70 27.57 -12.33
CA ARG A 164 -6.54 27.83 -11.51
C ARG A 164 -6.37 26.76 -10.43
N CYS A 165 -5.16 26.20 -10.38
CA CYS A 165 -4.85 25.14 -9.44
C CYS A 165 -3.76 25.59 -8.45
N ALA A 166 -4.07 25.50 -7.15
CA ALA A 166 -3.15 25.99 -6.12
C ALA A 166 -2.58 24.86 -5.25
N LEU A 167 -1.34 25.05 -4.79
CA LEU A 167 -0.71 24.13 -3.85
C LEU A 167 -0.76 24.69 -2.45
N CYS A 168 -1.20 23.88 -1.50
CA CYS A 168 -1.12 24.28 -0.09
C CYS A 168 -0.29 23.25 0.68
N ILE A 169 1.03 23.39 0.59
CA ILE A 169 1.97 22.46 1.22
C ILE A 169 3.08 23.20 1.98
N GLY A 170 3.84 22.46 2.78
CA GLY A 170 4.95 23.05 3.51
C GLY A 170 6.06 23.46 2.57
N GLY A 171 6.94 24.34 3.04
CA GLY A 171 8.05 24.77 2.20
C GLY A 171 7.71 25.96 1.33
N MET A 172 6.45 26.37 1.33
CA MET A 172 6.10 27.62 0.66
C MET A 172 5.71 28.65 1.72
N SER A 173 6.10 29.91 1.49
CA SER A 173 5.79 30.95 2.49
C SER A 173 4.29 31.25 2.49
N VAL A 174 3.86 32.05 3.45
CA VAL A 174 2.48 32.48 3.53
C VAL A 174 2.22 33.43 2.37
N LYS A 175 3.09 34.42 2.23
CA LYS A 175 3.05 35.39 1.14
C LYS A 175 2.83 34.70 -0.20
N GLU A 176 3.67 33.71 -0.47
CA GLU A 176 3.61 32.93 -1.70
C GLU A 176 2.27 32.19 -1.84
N GLN A 177 1.83 31.56 -0.76
CA GLN A 177 0.54 30.87 -0.82
C GLN A 177 -0.62 31.82 -1.19
N MET A 178 -0.68 32.96 -0.52
CA MET A 178 -1.71 33.96 -0.85
C MET A 178 -1.54 34.53 -2.26
N GLU A 179 -0.30 34.56 -2.77
CA GLU A 179 -0.05 34.99 -4.13
C GLU A 179 -0.75 34.07 -5.14
N THR A 180 -0.63 32.76 -4.95
CA THR A 180 -1.21 31.81 -5.92
C THR A 180 -2.73 31.91 -6.01
N ILE A 181 -3.38 32.31 -4.91
CA ILE A 181 -4.85 32.30 -4.86
C ILE A 181 -5.50 33.69 -5.01
N ARG A 182 -4.67 34.71 -5.22
CA ARG A 182 -5.16 36.10 -5.33
C ARG A 182 -6.11 36.25 -6.51
N HIS A 183 -6.01 35.33 -7.46
CA HIS A 183 -6.78 35.41 -8.69
C HIS A 183 -8.01 34.52 -8.57
N GLY A 184 -8.20 33.96 -7.37
CA GLY A 184 -9.26 33.00 -7.11
C GLY A 184 -8.72 31.63 -7.45
N VAL A 185 -9.23 30.61 -6.78
CA VAL A 185 -8.71 29.27 -7.02
C VAL A 185 -9.87 28.32 -7.22
N HIS A 186 -9.78 27.51 -8.26
CA HIS A 186 -10.79 26.50 -8.55
C HIS A 186 -10.46 25.19 -7.82
N MET A 187 -9.20 24.75 -7.96
CA MET A 187 -8.76 23.48 -7.39
C MET A 187 -7.52 23.66 -6.53
N MET A 188 -7.50 23.01 -5.37
CA MET A 188 -6.36 23.13 -4.47
C MET A 188 -5.88 21.75 -4.05
N VAL A 189 -4.56 21.56 -4.05
CA VAL A 189 -3.97 20.31 -3.58
C VAL A 189 -3.20 20.63 -2.33
N ALA A 190 -3.55 19.97 -1.23
CA ALA A 190 -2.98 20.34 0.06
C ALA A 190 -2.51 19.13 0.85
N THR A 191 -1.58 19.37 1.78
CA THR A 191 -1.30 18.41 2.84
C THR A 191 -2.11 18.83 4.07
N PRO A 192 -2.47 17.86 4.93
CA PRO A 192 -3.49 18.16 5.94
C PRO A 192 -3.04 19.23 6.96
N GLY A 193 -1.76 19.22 7.31
CA GLY A 193 -1.24 20.15 8.32
C GLY A 193 -1.31 21.61 7.92
N ARG A 194 -0.85 21.91 6.70
CA ARG A 194 -0.79 23.27 6.20
C ARG A 194 -2.19 23.79 5.90
N LEU A 195 -3.05 22.93 5.39
CA LEU A 195 -4.40 23.35 5.06
C LEU A 195 -5.15 23.67 6.34
N MET A 196 -5.02 22.81 7.35
CA MET A 196 -5.71 23.04 8.61
C MET A 196 -5.34 24.41 9.18
N ASP A 197 -4.03 24.64 9.31
CA ASP A 197 -3.51 25.92 9.78
C ASP A 197 -4.09 27.12 9.00
N LEU A 198 -4.17 27.00 7.68
CA LEU A 198 -4.69 28.11 6.88
C LEU A 198 -6.19 28.33 7.13
N LEU A 199 -6.94 27.24 7.25
CA LEU A 199 -8.36 27.32 7.56
C LEU A 199 -8.58 28.00 8.92
N GLN A 200 -7.81 27.59 9.92
CA GLN A 200 -8.00 28.12 11.26
C GLN A 200 -7.62 29.59 11.33
N LYS A 201 -6.68 30.00 10.47
CA LYS A 201 -6.29 31.41 10.40
C LYS A 201 -7.16 32.22 9.44
N LYS A 202 -8.22 31.60 8.90
CA LYS A 202 -9.16 32.29 8.01
C LYS A 202 -8.51 32.83 6.73
N MET A 203 -7.41 32.20 6.30
CA MET A 203 -6.73 32.67 5.10
C MET A 203 -7.23 31.91 3.87
N VAL A 204 -7.82 30.73 4.09
CA VAL A 204 -8.62 30.07 3.03
C VAL A 204 -9.99 29.66 3.55
N SER A 205 -10.98 29.63 2.67
CA SER A 205 -12.33 29.33 3.08
C SER A 205 -12.88 28.16 2.24
N LEU A 206 -13.72 27.32 2.84
CA LEU A 206 -14.33 26.19 2.13
C LEU A 206 -15.81 26.46 1.80
N ASP A 207 -16.18 27.73 1.83
CA ASP A 207 -17.56 28.14 1.62
C ASP A 207 -18.13 27.71 0.27
N ILE A 208 -17.28 27.58 -0.75
CA ILE A 208 -17.77 27.09 -2.05
C ILE A 208 -17.19 25.73 -2.47
N CYS A 209 -16.51 25.08 -1.55
CA CYS A 209 -15.85 23.82 -1.86
C CYS A 209 -16.88 22.70 -1.87
N ARG A 210 -17.13 22.13 -3.05
CA ARG A 210 -18.15 21.09 -3.18
C ARG A 210 -17.57 19.68 -3.40
N TYR A 211 -16.26 19.57 -3.42
CA TYR A 211 -15.63 18.32 -3.82
C TYR A 211 -14.39 18.14 -2.95
N LEU A 212 -14.32 16.99 -2.29
CA LEU A 212 -13.19 16.70 -1.42
C LEU A 212 -12.67 15.30 -1.74
N ALA A 213 -11.45 15.22 -2.25
CA ALA A 213 -10.85 13.91 -2.50
C ALA A 213 -9.75 13.62 -1.48
N LEU A 214 -9.82 12.44 -0.85
CA LEU A 214 -8.78 12.03 0.08
C LEU A 214 -7.91 10.93 -0.55
N ASP A 215 -6.70 11.28 -0.94
CA ASP A 215 -5.76 10.35 -1.58
C ASP A 215 -4.84 9.71 -0.56
N GLU A 216 -4.65 8.39 -0.69
CA GLU A 216 -3.77 7.61 0.18
C GLU A 216 -4.21 7.74 1.64
N ALA A 217 -5.50 7.53 1.86
CA ALA A 217 -6.11 7.80 3.15
C ALA A 217 -5.52 6.88 4.20
N ASP A 218 -5.25 5.65 3.79
CA ASP A 218 -4.64 4.69 4.70
C ASP A 218 -3.35 5.26 5.26
N ARG A 219 -2.46 5.71 4.37
CA ARG A 219 -1.21 6.31 4.78
C ARG A 219 -1.44 7.51 5.69
N MET A 220 -2.41 8.35 5.32
CA MET A 220 -2.71 9.53 6.12
C MET A 220 -3.12 9.13 7.53
N ILE A 221 -3.88 8.05 7.65
CA ILE A 221 -4.29 7.61 8.98
C ILE A 221 -3.08 7.04 9.73
N ASP A 222 -2.27 6.23 9.05
CA ASP A 222 -1.05 5.69 9.64
C ASP A 222 -0.11 6.80 10.13
N MET A 223 -0.20 8.00 9.55
CA MET A 223 0.75 9.03 9.94
C MET A 223 0.20 9.97 11.01
N GLY A 224 -1.01 9.69 11.49
CA GLY A 224 -1.58 10.45 12.60
C GLY A 224 -2.45 11.65 12.21
N PHE A 225 -2.72 11.78 10.92
CA PHE A 225 -3.48 12.92 10.41
C PHE A 225 -5.00 12.81 10.60
N GLU A 226 -5.47 11.83 11.34
CA GLU A 226 -6.93 11.66 11.49
C GLU A 226 -7.63 12.92 12.02
N GLY A 227 -7.11 13.44 13.12
CA GLY A 227 -7.70 14.59 13.79
C GLY A 227 -7.69 15.82 12.90
N ASP A 228 -6.55 16.08 12.26
CA ASP A 228 -6.42 17.22 11.37
C ASP A 228 -7.45 17.14 10.24
N ILE A 229 -7.71 15.93 9.75
CA ILE A 229 -8.65 15.73 8.65
C ILE A 229 -10.09 15.89 9.11
N ARG A 230 -10.42 15.39 10.30
CA ARG A 230 -11.75 15.62 10.84
C ARG A 230 -11.97 17.11 11.12
N THR A 231 -10.91 17.82 11.49
CA THR A 231 -11.00 19.25 11.71
C THR A 231 -11.30 19.95 10.38
N ILE A 232 -10.53 19.60 9.35
CA ILE A 232 -10.78 20.13 8.01
C ILE A 232 -12.24 19.92 7.61
N PHE A 233 -12.81 18.74 7.91
CA PHE A 233 -14.23 18.47 7.61
C PHE A 233 -15.16 19.54 8.18
N SER A 234 -14.90 19.96 9.42
CA SER A 234 -15.80 20.89 10.11
C SER A 234 -15.85 22.27 9.46
N TYR A 235 -14.97 22.52 8.47
CA TYR A 235 -14.96 23.80 7.76
C TYR A 235 -15.89 23.84 6.55
N PHE A 236 -16.51 22.72 6.24
CA PHE A 236 -17.57 22.69 5.23
C PHE A 236 -18.90 23.12 5.83
N LYS A 237 -19.54 24.09 5.19
CA LYS A 237 -20.92 24.42 5.54
C LYS A 237 -21.81 23.78 4.49
N GLY A 238 -22.42 22.66 4.84
CA GLY A 238 -23.35 22.02 3.94
C GLY A 238 -22.70 21.12 2.92
N GLN A 239 -23.52 20.28 2.32
CA GLN A 239 -23.11 19.12 1.51
C GLN A 239 -21.89 19.28 0.61
N ARG A 240 -21.16 18.18 0.48
CA ARG A 240 -20.01 18.09 -0.39
C ARG A 240 -20.03 16.68 -0.99
N GLN A 241 -19.36 16.50 -2.12
CA GLN A 241 -19.13 15.16 -2.63
C GLN A 241 -17.75 14.76 -2.12
N THR A 242 -17.66 13.60 -1.48
CA THR A 242 -16.42 13.17 -0.86
C THR A 242 -15.94 11.83 -1.46
N LEU A 243 -14.63 11.76 -1.69
CA LEU A 243 -14.00 10.63 -2.33
C LEU A 243 -12.79 10.22 -1.50
N LEU A 244 -12.65 8.92 -1.24
CA LEU A 244 -11.55 8.41 -0.43
C LEU A 244 -10.79 7.36 -1.20
N PHE A 245 -9.49 7.56 -1.35
CA PHE A 245 -8.70 6.55 -2.05
C PHE A 245 -7.68 5.97 -1.10
N SER A 246 -7.60 4.64 -1.11
CA SER A 246 -6.84 3.85 -0.15
C SER A 246 -6.41 2.56 -0.83
N ALA A 247 -5.15 2.16 -0.65
CA ALA A 247 -4.68 0.92 -1.28
C ALA A 247 -5.16 -0.29 -0.48
N THR A 248 -5.54 -0.01 0.76
CA THR A 248 -5.95 -1.01 1.73
C THR A 248 -7.27 -0.58 2.36
N MET A 249 -8.07 -1.54 2.84
CA MET A 249 -9.33 -1.20 3.53
C MET A 249 -9.49 -1.93 4.87
N PRO A 250 -8.55 -1.73 5.82
CA PRO A 250 -8.77 -2.39 7.11
C PRO A 250 -9.84 -1.66 7.93
N LYS A 251 -10.19 -2.28 9.06
CA LYS A 251 -11.31 -1.85 9.89
C LYS A 251 -11.24 -0.35 10.23
N LYS A 252 -10.02 0.15 10.49
CA LYS A 252 -9.86 1.56 10.86
C LYS A 252 -10.24 2.48 9.69
N ILE A 253 -9.77 2.17 8.49
CA ILE A 253 -10.11 2.99 7.32
C ILE A 253 -11.61 2.91 7.03
N GLN A 254 -12.18 1.75 7.32
CA GLN A 254 -13.58 1.49 7.02
C GLN A 254 -14.49 2.33 7.93
N ASN A 255 -14.14 2.40 9.22
CA ASN A 255 -14.88 3.23 10.17
C ASN A 255 -14.72 4.72 9.87
N PHE A 256 -13.51 5.13 9.51
CA PHE A 256 -13.28 6.52 9.11
C PHE A 256 -14.10 6.90 7.86
N ALA A 257 -14.14 5.99 6.89
CA ALA A 257 -14.91 6.18 5.64
C ALA A 257 -16.40 6.31 5.89
N LYS A 258 -16.94 5.48 6.78
CA LYS A 258 -18.36 5.55 7.15
C LYS A 258 -18.73 6.91 7.74
N SER A 259 -17.88 7.45 8.60
CA SER A 259 -18.15 8.78 9.14
C SER A 259 -17.91 9.89 8.11
N ALA A 260 -16.91 9.71 7.24
CA ALA A 260 -16.57 10.75 6.26
C ALA A 260 -17.52 10.90 5.06
N LEU A 261 -18.09 9.79 4.58
CA LEU A 261 -18.83 9.81 3.31
C LEU A 261 -20.34 9.55 3.47
N VAL A 262 -21.09 9.84 2.40
CA VAL A 262 -22.54 9.66 2.43
C VAL A 262 -22.92 8.70 1.29
N LYS A 263 -23.51 7.55 1.65
CA LYS A 263 -23.90 6.50 0.68
C LYS A 263 -22.86 6.25 -0.40
N PRO A 264 -21.61 5.97 -0.01
CA PRO A 264 -20.60 5.89 -1.07
C PRO A 264 -20.78 4.62 -1.89
N VAL A 265 -20.40 4.69 -3.17
CA VAL A 265 -20.16 3.50 -3.96
C VAL A 265 -18.75 3.04 -3.61
N THR A 266 -18.58 1.76 -3.26
CA THR A 266 -17.23 1.26 -3.00
C THR A 266 -16.76 0.54 -4.25
N ILE A 267 -15.54 0.86 -4.73
CA ILE A 267 -15.01 0.27 -5.96
C ILE A 267 -13.66 -0.36 -5.68
N ASN A 268 -13.52 -1.67 -5.92
CA ASN A 268 -12.26 -2.35 -5.61
C ASN A 268 -11.64 -3.02 -6.83
N VAL A 269 -10.38 -2.67 -7.09
CA VAL A 269 -9.60 -3.26 -8.17
C VAL A 269 -8.39 -3.95 -7.59
N SER B 25 21.74 -15.63 -23.18
CA SER B 25 21.69 -17.09 -23.34
C SER B 25 20.34 -17.53 -23.96
N MET B 26 20.01 -18.82 -23.80
CA MET B 26 18.69 -19.34 -24.19
C MET B 26 17.97 -19.69 -22.90
N SER B 27 18.77 -20.16 -21.94
CA SER B 27 18.33 -20.57 -20.61
C SER B 27 18.08 -19.33 -19.73
N GLU B 28 18.99 -18.37 -19.76
CA GLU B 28 18.76 -17.08 -19.12
C GLU B 28 17.58 -16.36 -19.77
N GLU B 29 17.50 -16.47 -21.09
CA GLU B 29 16.45 -15.80 -21.85
C GLU B 29 15.07 -16.36 -21.53
N ARG B 30 15.01 -17.65 -21.21
CA ARG B 30 13.74 -18.22 -20.79
C ARG B 30 13.42 -17.87 -19.33
N HIS B 31 14.44 -17.46 -18.57
CA HIS B 31 14.20 -16.94 -17.23
C HIS B 31 13.53 -15.57 -17.32
N GLU B 32 14.04 -14.72 -18.20
CA GLU B 32 13.40 -13.43 -18.46
C GLU B 32 12.08 -13.63 -19.21
N ARG B 33 11.92 -14.80 -19.81
CA ARG B 33 10.63 -15.18 -20.42
C ARG B 33 9.60 -15.50 -19.35
N VAL B 34 9.96 -16.35 -18.39
CA VAL B 34 9.07 -16.65 -17.25
C VAL B 34 8.74 -15.36 -16.49
N ARG B 35 9.76 -14.52 -16.27
CA ARG B 35 9.58 -13.22 -15.64
C ARG B 35 8.54 -12.34 -16.35
N LYS B 36 8.79 -12.03 -17.63
CA LYS B 36 7.85 -11.26 -18.45
C LYS B 36 6.47 -11.88 -18.40
N LYS B 37 6.41 -13.19 -18.63
CA LYS B 37 5.16 -13.96 -18.62
C LYS B 37 4.32 -13.76 -17.36
N TYR B 38 4.98 -13.58 -16.21
CA TYR B 38 4.30 -13.45 -14.93
C TYR B 38 4.36 -12.04 -14.32
N HIS B 39 4.78 -11.07 -15.13
CA HIS B 39 4.85 -9.66 -14.73
C HIS B 39 5.77 -9.47 -13.53
N ILE B 40 6.90 -10.18 -13.57
CA ILE B 40 7.94 -10.08 -12.55
C ILE B 40 9.13 -9.27 -13.07
N LEU B 41 9.44 -8.16 -12.39
CA LEU B 41 10.66 -7.41 -12.62
C LEU B 41 11.68 -7.69 -11.51
N VAL B 42 12.97 -7.68 -11.87
CA VAL B 42 14.04 -8.01 -10.91
C VAL B 42 15.25 -7.07 -11.02
N GLU B 43 16.02 -6.96 -9.95
CA GLU B 43 17.28 -6.20 -9.94
C GLU B 43 18.27 -6.88 -9.00
N GLY B 44 19.56 -6.71 -9.30
CA GLY B 44 20.61 -7.34 -8.53
C GLY B 44 21.34 -8.38 -9.36
N ASP B 45 22.48 -8.83 -8.85
CA ASP B 45 23.29 -9.80 -9.56
C ASP B 45 23.09 -11.21 -9.00
N GLY B 46 23.55 -12.21 -9.75
CA GLY B 46 23.42 -13.59 -9.36
C GLY B 46 22.00 -14.01 -9.02
N ILE B 47 21.04 -13.44 -9.72
CA ILE B 47 19.63 -13.75 -9.44
C ILE B 47 19.29 -15.20 -9.80
N PRO B 48 18.76 -15.96 -8.82
CA PRO B 48 18.47 -17.38 -9.06
C PRO B 48 17.33 -17.58 -10.06
N PRO B 49 17.32 -18.71 -10.76
CA PRO B 49 16.31 -18.94 -11.81
C PRO B 49 14.92 -19.06 -11.20
N PRO B 50 13.90 -18.44 -11.84
CA PRO B 50 12.54 -18.59 -11.31
C PRO B 50 12.14 -20.06 -11.36
N ILE B 51 11.17 -20.47 -10.55
CA ILE B 51 10.71 -21.84 -10.56
C ILE B 51 9.20 -21.80 -10.64
N LYS B 52 8.59 -22.62 -11.50
CA LYS B 52 7.16 -22.48 -11.81
C LYS B 52 6.27 -23.41 -10.99
N SER B 53 6.87 -24.31 -10.23
CA SER B 53 6.07 -25.27 -9.48
C SER B 53 6.55 -25.41 -8.06
N PHE B 54 5.60 -25.57 -7.16
CA PHE B 54 5.90 -25.82 -5.77
C PHE B 54 6.74 -27.09 -5.58
N LYS B 55 6.60 -28.05 -6.48
CA LYS B 55 7.38 -29.29 -6.38
C LYS B 55 8.85 -29.11 -6.78
N GLU B 56 9.13 -28.26 -7.77
CA GLU B 56 10.51 -28.04 -8.19
C GLU B 56 11.24 -27.10 -7.21
N MET B 57 10.48 -26.32 -6.44
CA MET B 57 11.04 -25.76 -5.22
C MET B 57 11.01 -26.99 -4.34
N LYS B 58 12.11 -27.34 -3.70
CA LYS B 58 12.16 -28.66 -3.07
C LYS B 58 11.49 -28.74 -1.69
N PHE B 59 10.18 -28.48 -1.64
CA PHE B 59 9.45 -28.48 -0.38
C PHE B 59 9.14 -29.90 0.06
N PRO B 60 9.10 -30.14 1.38
CA PRO B 60 8.75 -31.48 1.87
C PRO B 60 7.31 -31.81 1.52
N ALA B 61 7.01 -33.10 1.31
CA ALA B 61 5.66 -33.57 1.00
C ALA B 61 4.55 -32.96 1.86
N ALA B 62 4.78 -32.90 3.17
CA ALA B 62 3.77 -32.39 4.10
C ALA B 62 3.27 -30.98 3.69
N ILE B 63 4.20 -30.14 3.24
CA ILE B 63 3.90 -28.78 2.83
C ILE B 63 3.17 -28.75 1.49
N LEU B 64 3.63 -29.56 0.54
CA LEU B 64 3.01 -29.67 -0.78
C LEU B 64 1.53 -30.01 -0.69
N ARG B 65 1.20 -30.92 0.23
CA ARG B 65 -0.18 -31.28 0.51
C ARG B 65 -0.97 -30.15 1.18
N GLY B 66 -0.36 -29.54 2.20
CA GLY B 66 -0.97 -28.42 2.89
C GLY B 66 -1.26 -27.22 2.00
N LEU B 67 -0.61 -27.18 0.84
CA LEU B 67 -0.89 -26.18 -0.18
C LEU B 67 -2.11 -26.60 -1.00
N LYS B 68 -2.07 -27.84 -1.49
CA LYS B 68 -3.20 -28.41 -2.24
C LYS B 68 -4.49 -28.46 -1.42
N LYS B 69 -4.36 -28.74 -0.13
CA LYS B 69 -5.52 -28.81 0.76
C LYS B 69 -6.06 -27.42 1.10
N LYS B 70 -5.25 -26.39 0.90
CA LYS B 70 -5.69 -25.02 1.17
C LYS B 70 -5.98 -24.26 -0.13
N GLY B 71 -6.01 -25.01 -1.23
CA GLY B 71 -6.42 -24.45 -2.51
C GLY B 71 -5.30 -23.76 -3.29
N ILE B 72 -4.06 -24.00 -2.88
CA ILE B 72 -2.91 -23.44 -3.59
C ILE B 72 -2.20 -24.51 -4.43
N HIS B 73 -2.32 -24.40 -5.75
CA HIS B 73 -1.72 -25.36 -6.68
C HIS B 73 -0.55 -24.75 -7.45
N HIS B 74 -0.72 -23.51 -7.88
CA HIS B 74 0.34 -22.84 -8.62
C HIS B 74 0.86 -21.64 -7.86
N PRO B 75 2.19 -21.49 -7.83
CA PRO B 75 2.85 -20.35 -7.16
C PRO B 75 2.51 -19.04 -7.85
N THR B 76 2.30 -18.00 -7.04
CA THR B 76 2.08 -16.65 -7.55
C THR B 76 3.43 -16.12 -8.05
N PRO B 77 3.41 -15.06 -8.89
CA PRO B 77 4.66 -14.46 -9.38
C PRO B 77 5.72 -14.20 -8.31
N ILE B 78 5.32 -13.64 -7.16
CA ILE B 78 6.27 -13.33 -6.10
C ILE B 78 6.88 -14.63 -5.54
N GLN B 79 6.04 -15.66 -5.40
CA GLN B 79 6.50 -16.98 -4.98
C GLN B 79 7.49 -17.59 -5.98
N ILE B 80 7.11 -17.53 -7.26
CA ILE B 80 7.93 -18.06 -8.36
C ILE B 80 9.39 -17.60 -8.37
N GLN B 81 9.61 -16.31 -8.10
CA GLN B 81 10.96 -15.77 -8.09
C GLN B 81 11.47 -15.57 -6.65
N GLY B 82 10.55 -15.30 -5.72
CA GLY B 82 10.93 -15.03 -4.34
C GLY B 82 11.47 -16.23 -3.58
N ILE B 83 10.76 -17.36 -3.66
CA ILE B 83 11.18 -18.54 -2.92
C ILE B 83 12.59 -19.07 -3.24
N PRO B 84 12.93 -19.24 -4.55
CA PRO B 84 14.31 -19.63 -4.87
C PRO B 84 15.34 -18.63 -4.35
N THR B 85 14.97 -17.36 -4.38
CA THR B 85 15.84 -16.29 -3.91
C THR B 85 16.14 -16.44 -2.43
N ILE B 86 15.10 -16.69 -1.63
CA ILE B 86 15.28 -16.81 -0.17
C ILE B 86 16.04 -18.08 0.18
N LEU B 87 15.57 -19.20 -0.37
CA LEU B 87 16.25 -20.50 -0.20
C LEU B 87 17.74 -20.43 -0.51
N SER B 88 18.12 -19.60 -1.47
CA SER B 88 19.54 -19.53 -1.87
C SER B 88 20.36 -18.67 -0.90
N GLY B 89 19.69 -18.09 0.11
CA GLY B 89 20.40 -17.37 1.17
C GLY B 89 20.62 -15.87 0.99
N ARG B 90 20.12 -15.29 -0.12
CA ARG B 90 20.26 -13.85 -0.43
C ARG B 90 19.31 -12.94 0.37
N ASP B 91 19.73 -11.70 0.68
CA ASP B 91 18.77 -10.70 1.11
C ASP B 91 17.80 -10.40 -0.06
N MET B 92 16.63 -9.88 0.26
CA MET B 92 15.59 -9.71 -0.74
C MET B 92 14.77 -8.46 -0.44
N ILE B 93 14.41 -7.72 -1.49
CA ILE B 93 13.40 -6.69 -1.38
C ILE B 93 12.25 -7.17 -2.24
N GLY B 94 11.10 -7.39 -1.62
CA GLY B 94 9.93 -7.80 -2.35
C GLY B 94 8.95 -6.65 -2.42
N ILE B 95 8.70 -6.18 -3.64
CA ILE B 95 7.65 -5.18 -3.80
C ILE B 95 6.40 -5.92 -4.22
N ALA B 96 5.52 -6.14 -3.25
CA ALA B 96 4.40 -7.04 -3.41
C ALA B 96 3.30 -6.57 -2.47
N PHE B 97 2.06 -6.74 -2.91
CA PHE B 97 0.89 -6.15 -2.25
C PHE B 97 0.21 -7.20 -1.37
N THR B 98 -0.66 -6.77 -0.46
CA THR B 98 -1.43 -7.73 0.34
C THR B 98 -2.29 -8.50 -0.63
N GLY B 99 -2.24 -9.83 -0.56
CA GLY B 99 -2.97 -10.66 -1.51
C GLY B 99 -2.10 -11.18 -2.66
N SER B 100 -0.85 -10.76 -2.70
CA SER B 100 0.08 -11.25 -3.74
C SER B 100 0.62 -12.65 -3.43
N GLY B 101 0.42 -13.12 -2.19
CA GLY B 101 0.97 -14.42 -1.79
C GLY B 101 2.37 -14.31 -1.20
N LYS B 102 2.78 -13.07 -0.94
CA LYS B 102 4.09 -12.80 -0.38
C LYS B 102 4.35 -13.52 0.94
N THR B 103 3.28 -13.77 1.71
CA THR B 103 3.44 -14.38 3.03
C THR B 103 4.17 -15.72 2.91
N LEU B 104 3.70 -16.58 2.02
CA LEU B 104 4.35 -17.87 1.83
C LEU B 104 5.84 -17.71 1.50
N VAL B 105 6.21 -16.63 0.82
CA VAL B 105 7.60 -16.44 0.42
C VAL B 105 8.53 -16.27 1.63
N PHE B 106 8.07 -15.55 2.65
CA PHE B 106 8.94 -15.36 3.80
C PHE B 106 8.71 -16.38 4.92
N THR B 107 7.62 -17.12 4.82
CA THR B 107 7.32 -18.12 5.85
C THR B 107 7.87 -19.52 5.53
N LEU B 108 7.61 -20.02 4.33
CA LEU B 108 8.01 -21.41 4.02
C LEU B 108 9.54 -21.65 4.09
N PRO B 109 10.35 -20.76 3.48
CA PRO B 109 11.81 -20.94 3.62
C PRO B 109 12.33 -20.94 5.07
N VAL B 110 11.86 -20.05 5.93
CA VAL B 110 12.40 -20.05 7.29
C VAL B 110 11.95 -21.31 8.05
N ILE B 111 10.75 -21.78 7.73
CA ILE B 111 10.29 -23.08 8.23
C ILE B 111 11.26 -24.19 7.85
N MET B 112 11.62 -24.27 6.57
CA MET B 112 12.57 -25.30 6.14
C MET B 112 13.95 -25.11 6.76
N PHE B 113 14.34 -23.85 6.99
CA PHE B 113 15.64 -23.58 7.59
C PHE B 113 15.64 -24.10 9.03
N CYS B 114 14.58 -23.78 9.77
CA CYS B 114 14.41 -24.25 11.13
C CYS B 114 14.40 -25.77 11.24
N LEU B 115 13.64 -26.42 10.37
CA LEU B 115 13.65 -27.88 10.27
C LEU B 115 15.08 -28.43 10.20
N GLU B 116 15.92 -27.83 9.36
CA GLU B 116 17.30 -28.30 9.24
C GLU B 116 18.10 -28.06 10.52
N GLN B 117 17.86 -26.92 11.17
CA GLN B 117 18.59 -26.58 12.39
C GLN B 117 18.24 -27.54 13.54
N GLU B 118 16.94 -27.78 13.74
CA GLU B 118 16.44 -28.68 14.80
C GLU B 118 16.98 -30.09 14.61
N LYS B 119 17.13 -30.47 13.34
CA LYS B 119 17.72 -31.75 12.97
C LYS B 119 19.19 -31.83 13.40
N ARG B 120 19.98 -30.82 13.03
CA ARG B 120 21.39 -30.78 13.38
C ARG B 120 21.61 -30.68 14.89
N LEU B 121 20.73 -29.95 15.57
CA LEU B 121 20.91 -29.68 16.99
C LEU B 121 19.59 -29.17 17.56
N PRO B 122 18.78 -30.08 18.12
CA PRO B 122 17.48 -29.73 18.71
C PRO B 122 17.60 -28.53 19.63
N PHE B 123 16.61 -27.64 19.60
CA PHE B 123 16.68 -26.44 20.44
C PHE B 123 16.54 -26.83 21.91
N SER B 124 17.31 -26.14 22.77
CA SER B 124 17.24 -26.33 24.22
C SER B 124 16.25 -25.33 24.82
N LYS B 125 16.12 -25.34 26.14
CA LYS B 125 15.03 -24.62 26.81
C LYS B 125 14.83 -23.14 26.47
N ARG B 126 15.80 -22.28 26.71
CA ARG B 126 15.51 -20.87 26.46
C ARG B 126 16.17 -20.38 25.17
N GLU B 127 16.42 -21.33 24.27
CA GLU B 127 17.13 -21.03 23.03
C GLU B 127 16.21 -20.23 22.09
N GLY B 128 16.59 -18.97 21.86
CA GLY B 128 15.70 -17.88 21.42
C GLY B 128 15.43 -18.09 19.97
N PRO B 129 14.77 -17.13 19.31
CA PRO B 129 14.34 -17.45 17.94
C PRO B 129 15.50 -17.54 16.95
N TYR B 130 15.39 -18.47 16.00
CA TYR B 130 16.30 -18.55 14.87
C TYR B 130 15.80 -17.67 13.73
N GLY B 131 14.48 -17.65 13.54
CA GLY B 131 13.85 -16.83 12.52
C GLY B 131 12.91 -15.79 13.13
N LEU B 132 12.94 -14.57 12.58
CA LEU B 132 12.13 -13.49 13.14
C LEU B 132 11.37 -12.74 12.06
N ILE B 133 10.06 -12.59 12.25
CA ILE B 133 9.23 -11.78 11.36
C ILE B 133 8.69 -10.56 12.09
N ILE B 134 8.92 -9.36 11.53
CA ILE B 134 8.42 -8.14 12.16
C ILE B 134 7.32 -7.48 11.31
N CYS B 135 6.13 -7.24 11.92
CA CYS B 135 4.96 -6.60 11.28
C CYS B 135 4.56 -5.30 11.94
N PRO B 136 3.82 -4.45 11.20
CA PRO B 136 3.32 -3.21 11.81
C PRO B 136 2.18 -3.37 12.84
N SER B 137 1.37 -4.42 12.78
CA SER B 137 0.20 -4.53 13.66
C SER B 137 0.03 -5.88 14.33
N ARG B 138 -0.81 -5.92 15.37
CA ARG B 138 -1.11 -7.15 16.11
C ARG B 138 -1.85 -8.15 15.23
N GLU B 139 -2.85 -7.65 14.53
CA GLU B 139 -3.73 -8.48 13.72
C GLU B 139 -2.95 -9.20 12.64
N LEU B 140 -1.96 -8.52 12.07
CA LEU B 140 -1.13 -9.12 11.03
C LEU B 140 -0.14 -10.13 11.62
N ALA B 141 0.45 -9.80 12.77
CA ALA B 141 1.33 -10.73 13.46
C ALA B 141 0.60 -12.04 13.73
N ARG B 142 -0.59 -11.94 14.33
CA ARG B 142 -1.39 -13.13 14.69
C ARG B 142 -1.74 -13.99 13.49
N GLN B 143 -1.97 -13.35 12.35
CA GLN B 143 -2.36 -14.09 11.17
C GLN B 143 -1.18 -14.80 10.53
N THR B 144 -0.02 -14.13 10.54
CA THR B 144 1.19 -14.74 9.99
C THR B 144 1.64 -15.87 10.90
N HIS B 145 1.53 -15.67 12.21
CA HIS B 145 1.91 -16.68 13.19
C HIS B 145 1.01 -17.90 12.99
N GLY B 146 -0.27 -17.67 12.73
CA GLY B 146 -1.21 -18.75 12.48
C GLY B 146 -0.80 -19.55 11.26
N ILE B 147 -0.39 -18.85 10.20
CA ILE B 147 0.12 -19.53 9.01
C ILE B 147 1.40 -20.34 9.28
N LEU B 148 2.31 -19.83 10.11
CA LEU B 148 3.50 -20.62 10.46
C LEU B 148 3.09 -21.91 11.16
N GLU B 149 2.26 -21.81 12.19
CA GLU B 149 1.86 -22.99 12.96
C GLU B 149 1.12 -24.03 12.11
N TYR B 150 0.34 -23.57 11.16
CA TYR B 150 -0.36 -24.47 10.25
C TYR B 150 0.62 -25.38 9.55
N TYR B 151 1.62 -24.80 8.87
CA TYR B 151 2.60 -25.64 8.16
C TYR B 151 3.47 -26.48 9.08
N CYS B 152 3.83 -25.94 10.24
CA CYS B 152 4.66 -26.70 11.16
C CYS B 152 3.91 -27.92 11.69
N ARG B 153 2.60 -27.79 11.85
CA ARG B 153 1.78 -28.89 12.35
C ARG B 153 1.75 -30.02 11.32
N LEU B 154 1.58 -29.64 10.05
CA LEU B 154 1.55 -30.63 9.00
C LEU B 154 2.86 -31.40 8.94
N LEU B 155 3.95 -30.69 9.24
CA LEU B 155 5.27 -31.31 9.30
C LEU B 155 5.36 -32.28 10.46
N GLN B 156 4.71 -31.93 11.58
CA GLN B 156 4.71 -32.77 12.76
C GLN B 156 3.92 -34.05 12.48
N GLU B 157 2.84 -33.89 11.70
CA GLU B 157 1.97 -35.00 11.33
C GLU B 157 2.59 -35.94 10.29
N ASP B 158 3.70 -35.52 9.69
CA ASP B 158 4.40 -36.33 8.68
C ASP B 158 5.87 -36.47 9.05
N SER B 159 6.12 -36.88 10.29
CA SER B 159 7.46 -37.33 10.71
C SER B 159 8.55 -36.28 11.03
N SER B 160 8.25 -35.00 10.97
CA SER B 160 9.23 -33.99 11.37
C SER B 160 9.06 -33.67 12.85
N PRO B 161 10.12 -33.15 13.49
CA PRO B 161 9.91 -32.70 14.87
C PRO B 161 9.01 -31.46 14.85
N LEU B 162 8.39 -31.15 15.99
CA LEU B 162 7.58 -29.94 16.08
C LEU B 162 8.50 -28.71 16.17
N LEU B 163 8.21 -27.70 15.35
CA LEU B 163 8.91 -26.43 15.45
C LEU B 163 8.00 -25.49 16.21
N ARG B 164 8.58 -24.70 17.11
CA ARG B 164 7.77 -23.86 17.96
C ARG B 164 7.78 -22.41 17.46
N CYS B 165 6.58 -21.84 17.34
CA CYS B 165 6.44 -20.47 16.86
C CYS B 165 5.89 -19.63 18.00
N ALA B 166 6.43 -18.43 18.17
CA ALA B 166 6.03 -17.56 19.27
C ALA B 166 5.53 -16.21 18.74
N LEU B 167 4.58 -15.61 19.45
CA LEU B 167 4.17 -14.24 19.16
C LEU B 167 4.85 -13.31 20.14
N CYS B 168 5.14 -12.08 19.72
CA CYS B 168 5.68 -11.09 20.63
C CYS B 168 5.06 -9.73 20.28
N ILE B 169 3.86 -9.49 20.80
CA ILE B 169 3.05 -8.32 20.44
C ILE B 169 2.31 -7.77 21.65
N GLY B 170 1.67 -6.61 21.48
CA GLY B 170 0.82 -6.07 22.53
C GLY B 170 -0.40 -6.95 22.75
N GLY B 171 -1.02 -6.83 23.93
CA GLY B 171 -2.26 -7.52 24.20
C GLY B 171 -2.09 -8.96 24.67
N MET B 172 -0.85 -9.40 24.87
CA MET B 172 -0.64 -10.74 25.42
C MET B 172 0.16 -10.59 26.71
N SER B 173 -0.05 -11.49 27.66
CA SER B 173 0.66 -11.32 28.92
C SER B 173 2.12 -11.78 28.77
N VAL B 174 3.01 -11.11 29.49
CA VAL B 174 4.39 -11.53 29.54
C VAL B 174 4.45 -13.01 29.95
N LYS B 175 3.67 -13.36 30.96
CA LYS B 175 3.67 -14.71 31.54
C LYS B 175 3.74 -15.85 30.50
N GLU B 176 2.81 -15.90 29.55
CA GLU B 176 2.78 -17.00 28.57
C GLU B 176 3.75 -16.78 27.40
N GLN B 177 4.11 -15.52 27.14
CA GLN B 177 5.18 -15.20 26.21
C GLN B 177 6.48 -15.85 26.68
N MET B 178 6.83 -15.56 27.93
CA MET B 178 7.96 -16.22 28.60
C MET B 178 7.77 -17.72 28.68
N GLU B 179 6.55 -18.16 29.00
CA GLU B 179 6.22 -19.58 29.04
C GLU B 179 6.51 -20.27 27.71
N THR B 180 6.07 -19.67 26.59
CA THR B 180 6.42 -20.16 25.25
C THR B 180 7.94 -20.24 24.98
N ILE B 181 8.65 -19.13 25.18
CA ILE B 181 10.10 -19.09 25.04
C ILE B 181 10.78 -20.19 25.85
N ARG B 182 10.19 -20.54 27.00
CA ARG B 182 10.83 -21.45 27.96
C ARG B 182 11.12 -22.83 27.35
N HIS B 183 10.29 -23.22 26.38
CA HIS B 183 10.44 -24.51 25.74
C HIS B 183 11.35 -24.39 24.51
N GLY B 184 11.80 -23.17 24.23
CA GLY B 184 12.58 -22.87 23.03
C GLY B 184 11.65 -22.39 21.94
N VAL B 185 12.14 -21.53 21.06
CA VAL B 185 11.33 -21.04 19.95
C VAL B 185 12.17 -20.99 18.67
N HIS B 186 11.65 -21.57 17.58
CA HIS B 186 12.35 -21.48 16.31
C HIS B 186 12.01 -20.17 15.57
N MET B 187 10.72 -19.84 15.53
CA MET B 187 10.27 -18.68 14.78
C MET B 187 9.43 -17.77 15.65
N MET B 188 9.66 -16.47 15.51
CA MET B 188 8.95 -15.49 16.32
C MET B 188 8.31 -14.44 15.42
N VAL B 189 7.04 -14.11 15.71
CA VAL B 189 6.35 -13.05 14.98
C VAL B 189 6.08 -11.93 15.97
N ALA B 190 6.47 -10.70 15.59
CA ALA B 190 6.53 -9.60 16.55
C ALA B 190 6.08 -8.28 15.95
N THR B 191 5.73 -7.34 16.83
CA THR B 191 5.60 -5.94 16.46
C THR B 191 6.79 -5.23 17.09
N PRO B 192 7.26 -4.13 16.47
CA PRO B 192 8.53 -3.49 16.85
C PRO B 192 8.60 -3.03 18.30
N GLY B 193 7.62 -2.28 18.76
CA GLY B 193 7.65 -1.75 20.11
C GLY B 193 7.80 -2.85 21.14
N ARG B 194 7.05 -3.92 20.97
CA ARG B 194 7.01 -4.96 21.97
C ARG B 194 8.32 -5.74 22.02
N LEU B 195 8.90 -6.00 20.85
CA LEU B 195 10.16 -6.77 20.76
C LEU B 195 11.31 -5.95 21.35
N MET B 196 11.40 -4.69 20.94
CA MET B 196 12.41 -3.80 21.46
C MET B 196 12.38 -3.77 22.99
N ASP B 197 11.17 -3.70 23.53
CA ASP B 197 10.95 -3.68 24.97
C ASP B 197 11.53 -4.96 25.63
N LEU B 198 11.16 -6.12 25.11
CA LEU B 198 11.63 -7.39 25.70
C LEU B 198 13.12 -7.60 25.52
N LEU B 199 13.68 -7.07 24.44
CA LEU B 199 15.14 -7.11 24.26
C LEU B 199 15.84 -6.24 25.31
N GLN B 200 15.36 -5.02 25.48
CA GLN B 200 15.92 -4.08 26.45
C GLN B 200 15.74 -4.57 27.89
N LYS B 201 14.72 -5.39 28.13
CA LYS B 201 14.46 -5.95 29.45
C LYS B 201 15.11 -7.32 29.65
N LYS B 202 15.96 -7.72 28.69
CA LYS B 202 16.69 -9.00 28.79
C LYS B 202 15.76 -10.21 28.89
N MET B 203 14.60 -10.14 28.25
CA MET B 203 13.62 -11.21 28.35
C MET B 203 13.54 -12.04 27.06
N VAL B 204 14.14 -11.54 25.98
CA VAL B 204 14.35 -12.33 24.77
C VAL B 204 15.70 -11.99 24.21
N SER B 205 16.23 -12.88 23.39
CA SER B 205 17.56 -12.69 22.86
C SER B 205 17.55 -13.04 21.38
N LEU B 206 18.39 -12.37 20.60
CA LEU B 206 18.50 -12.65 19.18
C LEU B 206 19.83 -13.30 18.83
N ASP B 207 20.57 -13.76 19.85
CA ASP B 207 21.94 -14.26 19.62
C ASP B 207 22.02 -15.37 18.56
N ILE B 208 20.92 -16.11 18.43
CA ILE B 208 20.83 -17.27 17.54
C ILE B 208 20.06 -16.91 16.26
N CYS B 209 19.43 -15.75 16.27
CA CYS B 209 18.60 -15.33 15.13
C CYS B 209 19.46 -15.05 13.89
N ARG B 210 19.16 -15.74 12.79
CA ARG B 210 19.95 -15.61 11.54
C ARG B 210 19.02 -15.25 10.37
N TYR B 211 17.76 -14.96 10.68
CA TYR B 211 16.75 -14.71 9.64
C TYR B 211 15.75 -13.69 10.13
N LEU B 212 15.65 -12.60 9.38
CA LEU B 212 14.81 -11.48 9.74
C LEU B 212 14.02 -11.02 8.52
N ALA B 213 12.70 -11.15 8.59
CA ALA B 213 11.80 -10.62 7.56
C ALA B 213 11.02 -9.42 8.10
N LEU B 214 11.10 -8.29 7.39
CA LEU B 214 10.30 -7.13 7.73
C LEU B 214 9.11 -7.06 6.79
N ASP B 215 7.91 -7.25 7.34
CA ASP B 215 6.70 -7.28 6.52
C ASP B 215 6.03 -5.90 6.55
N GLU B 216 5.46 -5.48 5.43
CA GLU B 216 4.76 -4.19 5.32
C GLU B 216 5.65 -3.03 5.82
N ALA B 217 6.87 -2.96 5.32
CA ALA B 217 7.88 -2.05 5.83
C ALA B 217 7.53 -0.62 5.49
N ASP B 218 6.89 -0.42 4.35
CA ASP B 218 6.37 0.91 4.01
C ASP B 218 5.45 1.41 5.12
N ARG B 219 4.50 0.57 5.56
CA ARG B 219 3.61 0.97 6.65
C ARG B 219 4.39 1.22 7.95
N MET B 220 5.37 0.37 8.23
CA MET B 220 6.18 0.53 9.44
C MET B 220 6.94 1.87 9.47
N ILE B 221 7.56 2.23 8.35
CA ILE B 221 8.23 3.53 8.24
C ILE B 221 7.21 4.67 8.44
N ASP B 222 6.06 4.59 7.75
CA ASP B 222 4.96 5.55 7.94
C ASP B 222 4.51 5.72 9.39
N MET B 223 4.51 4.62 10.15
CA MET B 223 4.14 4.67 11.56
C MET B 223 5.27 5.14 12.49
N GLY B 224 6.42 5.48 11.93
CA GLY B 224 7.52 5.98 12.74
C GLY B 224 8.38 4.93 13.43
N PHE B 225 8.39 3.70 12.91
CA PHE B 225 9.11 2.62 13.57
C PHE B 225 10.56 2.47 13.10
N GLU B 226 11.06 3.42 12.32
CA GLU B 226 12.42 3.26 11.81
C GLU B 226 13.43 3.14 12.94
N GLY B 227 13.36 4.09 13.89
CA GLY B 227 14.22 4.07 15.06
C GLY B 227 14.21 2.72 15.73
N ASP B 228 13.01 2.26 16.08
CA ASP B 228 12.83 0.97 16.76
C ASP B 228 13.40 -0.23 15.99
N ILE B 229 13.20 -0.26 14.68
CA ILE B 229 13.74 -1.33 13.87
C ILE B 229 15.27 -1.27 13.85
N ARG B 230 15.84 -0.10 13.62
CA ARG B 230 17.29 0.05 13.70
C ARG B 230 17.83 -0.36 15.07
N THR B 231 17.06 -0.09 16.12
CA THR B 231 17.47 -0.51 17.47
C THR B 231 17.45 -2.04 17.54
N ILE B 232 16.39 -2.63 17.01
CA ILE B 232 16.30 -4.09 16.96
C ILE B 232 17.51 -4.69 16.23
N PHE B 233 17.98 -4.06 15.15
CA PHE B 233 19.18 -4.54 14.42
C PHE B 233 20.40 -4.73 15.35
N SER B 234 20.61 -3.78 16.25
CA SER B 234 21.81 -3.81 17.09
C SER B 234 21.82 -5.00 18.04
N TYR B 235 20.70 -5.73 18.14
CA TYR B 235 20.63 -6.88 19.03
C TYR B 235 21.08 -8.17 18.34
N PHE B 236 21.32 -8.08 17.03
CA PHE B 236 21.91 -9.20 16.33
C PHE B 236 23.40 -9.20 16.62
N LYS B 237 23.95 -10.38 16.84
CA LYS B 237 25.39 -10.56 16.82
C LYS B 237 25.67 -11.36 15.56
N GLY B 238 26.46 -10.80 14.64
CA GLY B 238 26.80 -11.52 13.42
C GLY B 238 25.79 -11.36 12.30
N GLN B 239 25.99 -12.08 11.21
CA GLN B 239 25.15 -11.87 10.04
C GLN B 239 23.73 -12.44 10.17
N ARG B 240 22.88 -11.97 9.27
CA ARG B 240 21.49 -12.34 9.22
C ARG B 240 21.11 -12.24 7.77
N GLN B 241 20.25 -13.15 7.33
CA GLN B 241 19.60 -12.98 6.06
C GLN B 241 18.41 -12.08 6.37
N THR B 242 18.29 -10.99 5.60
CA THR B 242 17.24 -10.03 5.86
C THR B 242 16.36 -9.85 4.63
N LEU B 243 15.04 -9.87 4.84
CA LEU B 243 14.10 -9.69 3.75
C LEU B 243 13.21 -8.50 4.07
N LEU B 244 12.88 -7.71 3.05
CA LEU B 244 12.04 -6.54 3.27
C LEU B 244 10.89 -6.57 2.30
N PHE B 245 9.66 -6.60 2.83
CA PHE B 245 8.47 -6.54 1.99
C PHE B 245 7.75 -5.20 2.14
N SER B 246 7.37 -4.62 1.00
CA SER B 246 6.67 -3.35 0.96
C SER B 246 5.92 -3.23 -0.37
N ALA B 247 4.62 -2.89 -0.29
CA ALA B 247 3.81 -2.74 -1.49
C ALA B 247 4.31 -1.58 -2.37
N THR B 248 5.02 -0.65 -1.75
CA THR B 248 5.53 0.52 -2.45
C THR B 248 7.04 0.63 -2.24
N MET B 249 7.71 1.41 -3.08
CA MET B 249 9.15 1.61 -2.98
C MET B 249 9.53 3.07 -3.25
N PRO B 250 9.00 4.01 -2.44
CA PRO B 250 9.50 5.39 -2.59
C PRO B 250 10.95 5.47 -2.13
N LYS B 251 11.56 6.66 -2.28
CA LYS B 251 12.96 6.82 -1.97
C LYS B 251 13.31 6.54 -0.50
N LYS B 252 12.37 6.81 0.41
CA LYS B 252 12.62 6.61 1.83
C LYS B 252 12.82 5.12 2.13
N ILE B 253 11.91 4.30 1.61
CA ILE B 253 11.96 2.85 1.77
C ILE B 253 13.20 2.32 1.06
N GLN B 254 13.52 2.93 -0.08
CA GLN B 254 14.68 2.52 -0.85
C GLN B 254 15.97 2.78 -0.08
N ASN B 255 16.06 3.94 0.57
CA ASN B 255 17.22 4.28 1.39
C ASN B 255 17.36 3.38 2.61
N PHE B 256 16.23 3.07 3.26
CA PHE B 256 16.22 2.18 4.42
C PHE B 256 16.71 0.79 4.03
N ALA B 257 16.19 0.28 2.92
CA ALA B 257 16.60 -1.03 2.42
C ALA B 257 18.11 -1.10 2.24
N LYS B 258 18.67 -0.12 1.53
CA LYS B 258 20.11 -0.07 1.27
C LYS B 258 20.94 -0.09 2.57
N SER B 259 20.37 0.45 3.63
CA SER B 259 21.02 0.47 4.94
C SER B 259 20.79 -0.83 5.72
N ALA B 260 19.68 -1.52 5.45
CA ALA B 260 19.30 -2.72 6.20
C ALA B 260 19.76 -4.05 5.58
N LEU B 261 20.01 -4.06 4.28
CA LEU B 261 20.30 -5.31 3.58
C LEU B 261 21.68 -5.29 2.89
N VAL B 262 22.21 -6.47 2.60
CA VAL B 262 23.50 -6.61 1.92
C VAL B 262 23.27 -7.25 0.56
N LYS B 263 23.57 -6.51 -0.51
CA LYS B 263 23.42 -7.04 -1.87
C LYS B 263 22.07 -7.72 -2.10
N PRO B 264 20.96 -7.00 -1.85
CA PRO B 264 19.69 -7.70 -2.01
C PRO B 264 19.34 -7.98 -3.47
N VAL B 265 18.45 -8.94 -3.68
CA VAL B 265 17.80 -9.11 -4.97
C VAL B 265 16.44 -8.39 -4.84
N THR B 266 16.12 -7.52 -5.81
CA THR B 266 14.84 -6.82 -5.79
C THR B 266 13.83 -7.51 -6.71
N ILE B 267 12.62 -7.71 -6.21
CA ILE B 267 11.60 -8.41 -6.97
C ILE B 267 10.28 -7.63 -6.91
N ASN B 268 9.75 -7.31 -8.08
CA ASN B 268 8.54 -6.48 -8.20
C ASN B 268 7.48 -7.17 -9.06
N VAL B 269 6.27 -7.29 -8.52
CA VAL B 269 5.19 -8.02 -9.17
C VAL B 269 4.04 -7.10 -9.59
S SO4 C . -1.82 6.45 -10.52
O1 SO4 C . -2.35 5.09 -10.70
O2 SO4 C . -1.00 6.79 -11.70
O3 SO4 C . -2.94 7.40 -10.43
O4 SO4 C . -1.02 6.54 -9.30
MG MG D . -0.68 6.78 -4.54
S SO4 E . -0.72 -12.45 1.18
O1 SO4 E . -1.96 -13.07 1.66
O2 SO4 E . -0.72 -12.39 -0.28
O3 SO4 E . -0.60 -11.11 1.77
O4 SO4 E . 0.45 -13.26 1.56
MG MG F . 0.21 -7.23 3.76
#